data_4Q1A
#
_entry.id   4Q1A
#
_cell.length_a   68.665
_cell.length_b   68.665
_cell.length_c   120.360
_cell.angle_alpha   90.00
_cell.angle_beta   90.00
_cell.angle_gamma   90.00
#
_symmetry.space_group_name_H-M   'P 41'
#
loop_
_entity.id
_entity.type
_entity.pdbx_description
1 polymer 'Deoxycytidine kinase'
2 non-polymer 2-(5-(4-(((4,6-diaminopyrimidin-2-yl)thio)methyl)-5-propylthiazol-2-yl)-2-methoxyphenoxy)ethan-1-ol
3 non-polymer "URIDINE-5'-DIPHOSPHATE"
4 water water
#
_entity_poly.entity_id   1
_entity_poly.type   'polypeptide(L)'
_entity_poly.pdbx_seq_one_letter_code
;MGSSHHHHHHSSGLVPRGSHMATPPKRSSPSFSASSEGTRIKKISIEGNIAAGKSTFVNILKQLSEDWEVVPEPVARWSN
VQSTQDEFEELTMEQKNGGNVLQMMYEKPERWSFTFQTYACLSRIRAQLASLNGKLKDAEKPVLFFERSVYSDRYIFASN
LYESESMNETEWTIYQDWHDWMNNQFGQSLELDGIIYLQATPETCLHRIYLRGRNEEQGIPLEYLEKLHYKHESWLLHRT
LKTNFDYLQEVPILTLDVNEDFKDKYESLVEKVKEFLSTL
;
_entity_poly.pdbx_strand_id   A,B
#
loop_
_chem_comp.id
_chem_comp.type
_chem_comp.name
_chem_comp.formula
2XZ non-polymer 2-(5-(4-(((4,6-diaminopyrimidin-2-yl)thio)methyl)-5-propylthiazol-2-yl)-2-methoxyphenoxy)ethan-1-ol 'C20 H25 N5 O3 S2'
UDP RNA linking URIDINE-5'-DIPHOSPHATE 'C9 H14 N2 O12 P2'
#
# COMPACT_ATOMS: atom_id res chain seq x y z
N ARG A 40 13.60 14.87 16.96
CA ARG A 40 14.56 16.00 17.18
C ARG A 40 15.16 16.57 15.91
N ILE A 41 15.37 15.72 14.91
CA ILE A 41 15.72 16.15 13.55
C ILE A 41 14.56 16.95 12.97
N LYS A 42 14.84 18.15 12.45
CA LYS A 42 13.82 18.97 11.80
C LYS A 42 13.56 18.58 10.31
N LYS A 43 12.27 18.44 9.98
CA LYS A 43 11.84 17.87 8.70
C LYS A 43 11.24 18.97 7.80
N ILE A 44 11.87 19.21 6.66
CA ILE A 44 11.49 20.36 5.84
C ILE A 44 11.25 19.88 4.42
N SER A 45 10.02 20.00 3.91
CA SER A 45 9.72 19.64 2.52
C SER A 45 10.08 20.77 1.55
N ILE A 46 10.92 20.50 0.57
CA ILE A 46 11.08 21.40 -0.58
C ILE A 46 10.01 20.97 -1.58
N GLU A 47 9.23 21.94 -2.03
CA GLU A 47 8.04 21.71 -2.85
C GLU A 47 8.12 22.68 -4.00
N GLY A 48 7.66 22.24 -5.17
CA GLY A 48 7.70 23.00 -6.40
C GLY A 48 7.43 22.17 -7.64
N ASN A 49 7.15 22.84 -8.73
CA ASN A 49 6.92 22.15 -10.00
C ASN A 49 8.15 21.42 -10.58
N ILE A 50 7.87 20.55 -11.56
CA ILE A 50 8.86 19.77 -12.29
C ILE A 50 9.94 20.68 -12.90
N ALA A 51 11.20 20.32 -12.68
CA ALA A 51 12.38 21.04 -13.22
C ALA A 51 12.55 22.48 -12.69
N ALA A 52 11.87 22.80 -11.58
CA ALA A 52 11.94 24.12 -10.95
C ALA A 52 13.32 24.43 -10.40
N GLY A 53 13.99 23.41 -9.88
CA GLY A 53 15.33 23.56 -9.30
C GLY A 53 15.54 22.90 -7.94
N LYS A 54 14.65 22.00 -7.54
CA LYS A 54 14.69 21.46 -6.17
C LYS A 54 15.94 20.63 -5.94
N SER A 55 16.18 19.65 -6.80
CA SER A 55 17.41 18.88 -6.72
C SER A 55 18.62 19.80 -6.65
N THR A 56 18.56 20.93 -7.34
CA THR A 56 19.62 21.94 -7.32
C THR A 56 19.71 22.61 -5.96
N PHE A 57 18.57 23.03 -5.43
CA PHE A 57 18.53 23.80 -4.18
C PHE A 57 19.00 22.96 -3.01
N VAL A 58 18.55 21.73 -3.07
CA VAL A 58 18.72 20.79 -2.00
C VAL A 58 20.18 20.28 -2.03
N ASN A 59 20.73 20.09 -3.23
CA ASN A 59 22.16 19.78 -3.36
C ASN A 59 23.05 20.85 -2.77
N ILE A 60 22.73 22.10 -3.11
CA ILE A 60 23.38 23.27 -2.53
C ILE A 60 23.33 23.26 -1.01
N LEU A 61 22.11 23.33 -0.47
CA LEU A 61 21.92 23.42 0.99
C LEU A 61 22.75 22.39 1.76
N LYS A 62 22.76 21.15 1.28
CA LYS A 62 23.33 20.05 2.08
C LYS A 62 24.84 20.27 2.32
N GLN A 63 25.53 20.85 1.33
CA GLN A 63 26.94 21.17 1.42
C GLN A 63 27.31 22.19 2.53
N LEU A 64 26.32 22.93 3.01
CA LEU A 64 26.52 24.16 3.79
C LEU A 64 26.50 24.00 5.32
N SER A 65 26.16 22.80 5.78
CA SER A 65 26.21 22.47 7.19
C SER A 65 26.17 20.97 7.43
N GLU A 66 27.04 20.51 8.31
CA GLU A 66 27.09 19.10 8.67
C GLU A 66 25.81 18.69 9.42
N ASP A 67 24.97 19.65 9.79
CA ASP A 67 23.71 19.33 10.41
C ASP A 67 22.54 19.35 9.41
N TRP A 68 22.83 19.46 8.13
CA TRP A 68 21.80 19.43 7.10
C TRP A 68 22.02 18.22 6.20
N GLU A 69 21.02 17.35 6.12
CA GLU A 69 21.01 16.28 5.13
C GLU A 69 19.70 16.31 4.29
N VAL A 70 19.76 15.70 3.11
CA VAL A 70 18.64 15.61 2.16
C VAL A 70 18.09 14.19 1.96
N VAL A 71 16.78 14.08 1.68
CA VAL A 71 16.18 12.82 1.22
C VAL A 71 15.62 13.06 -0.17
N PRO A 72 16.37 12.63 -1.20
CA PRO A 72 15.88 12.88 -2.56
C PRO A 72 14.62 12.10 -2.93
N GLU A 73 14.03 12.50 -4.06
CA GLU A 73 12.76 11.92 -4.46
C GLU A 73 13.00 10.64 -5.22
N PRO A 74 12.31 9.55 -4.82
CA PRO A 74 12.40 8.28 -5.54
C PRO A 74 12.21 8.40 -7.04
N VAL A 75 11.16 9.08 -7.48
CA VAL A 75 10.86 9.22 -8.91
C VAL A 75 12.07 9.75 -9.70
N ALA A 76 12.78 10.71 -9.13
CA ALA A 76 13.97 11.30 -9.75
C ALA A 76 15.05 10.27 -9.98
N ARG A 77 15.26 9.39 -9.01
CA ARG A 77 16.24 8.33 -9.14
C ARG A 77 15.82 7.30 -10.22
N TRP A 78 14.51 7.10 -10.42
CA TRP A 78 14.02 6.13 -11.43
C TRP A 78 14.37 6.54 -12.87
N SER A 79 14.36 7.85 -13.14
CA SER A 79 14.79 8.39 -14.43
C SER A 79 16.23 8.89 -14.33
N LEU A 91 20.09 -1.58 -10.76
CA LEU A 91 20.70 -2.57 -9.87
C LEU A 91 19.69 -3.04 -8.83
N THR A 92 19.16 -2.11 -8.05
CA THR A 92 18.09 -2.42 -7.09
C THR A 92 16.78 -2.83 -7.79
N MET A 93 15.97 -3.60 -7.09
CA MET A 93 14.66 -3.91 -7.60
C MET A 93 13.74 -2.68 -7.61
N GLU A 94 13.91 -1.74 -6.66
CA GLU A 94 13.13 -0.51 -6.70
C GLU A 94 13.44 0.37 -7.91
N GLN A 95 14.72 0.57 -8.25
CA GLN A 95 15.10 1.23 -9.52
C GLN A 95 14.49 0.54 -10.73
N LYS A 96 14.59 -0.79 -10.71
CA LYS A 96 14.08 -1.63 -11.78
C LYS A 96 12.58 -1.52 -11.90
N ASN A 97 11.88 -1.69 -10.75
CA ASN A 97 10.44 -1.47 -10.64
C ASN A 97 10.08 -0.03 -11.02
N GLY A 98 10.86 0.90 -10.47
CA GLY A 98 10.71 2.33 -10.73
C GLY A 98 10.76 2.66 -12.22
N GLY A 99 11.85 2.21 -12.85
CA GLY A 99 12.09 2.42 -14.27
C GLY A 99 10.97 1.92 -15.14
N ASN A 100 10.55 0.68 -14.93
CA ASN A 100 9.47 0.12 -15.73
C ASN A 100 8.18 0.90 -15.53
N VAL A 101 7.76 1.09 -14.28
CA VAL A 101 6.48 1.76 -14.07
C VAL A 101 6.46 3.21 -14.58
N LEU A 102 7.61 3.86 -14.59
CA LEU A 102 7.66 5.23 -15.08
C LEU A 102 7.54 5.25 -16.60
N GLN A 103 8.24 4.34 -17.25
CA GLN A 103 8.12 4.26 -18.70
C GLN A 103 6.67 3.91 -19.04
N MET A 104 6.13 2.90 -18.35
CA MET A 104 4.73 2.47 -18.48
CA MET A 104 4.73 2.51 -18.55
C MET A 104 3.80 3.71 -18.36
N MET A 105 3.96 4.44 -17.25
CA MET A 105 3.23 5.68 -16.98
C MET A 105 3.26 6.72 -18.12
N TYR A 106 4.42 6.90 -18.74
CA TYR A 106 4.56 7.85 -19.86
C TYR A 106 3.67 7.44 -21.05
N GLU A 107 3.62 6.13 -21.32
CA GLU A 107 2.95 5.60 -22.51
C GLU A 107 1.45 5.54 -22.34
N LYS A 108 1.00 5.16 -21.14
CA LYS A 108 -0.42 4.90 -20.91
C LYS A 108 -0.86 5.28 -19.48
N PRO A 109 -1.01 6.59 -19.20
CA PRO A 109 -1.14 6.99 -17.80
C PRO A 109 -2.49 6.63 -17.23
N GLU A 110 -3.51 6.59 -18.08
CA GLU A 110 -4.81 6.14 -17.64
C GLU A 110 -4.82 4.63 -17.31
N ARG A 111 -3.77 3.89 -17.64
CA ARG A 111 -3.56 2.49 -17.18
C ARG A 111 -2.65 2.40 -15.94
N TRP A 112 -1.64 3.26 -15.85
CA TRP A 112 -0.56 3.02 -14.88
C TRP A 112 -0.52 3.96 -13.68
N SER A 113 -1.36 4.99 -13.69
CA SER A 113 -1.27 6.07 -12.72
C SER A 113 -1.52 5.63 -11.29
N PHE A 114 -2.49 4.74 -11.05
CA PHE A 114 -2.76 4.29 -9.67
C PHE A 114 -1.57 3.50 -9.16
N THR A 115 -1.04 2.58 -9.98
CA THR A 115 0.14 1.77 -9.62
C THR A 115 1.39 2.61 -9.38
N PHE A 116 1.54 3.61 -10.22
CA PHE A 116 2.68 4.51 -10.17
C PHE A 116 2.63 5.35 -8.90
N GLN A 117 1.48 5.97 -8.63
CA GLN A 117 1.31 6.77 -7.41
C GLN A 117 1.48 5.91 -6.15
N THR A 118 1.04 4.65 -6.22
CA THR A 118 1.15 3.78 -5.05
C THR A 118 2.65 3.58 -4.81
N TYR A 119 3.37 3.15 -5.82
CA TYR A 119 4.81 2.83 -5.64
C TYR A 119 5.71 4.03 -5.32
N ALA A 120 5.40 5.18 -5.93
CA ALA A 120 6.08 6.41 -5.58
C ALA A 120 5.89 6.81 -4.10
N CYS A 121 4.66 6.81 -3.62
CA CYS A 121 4.47 7.19 -2.23
C CYS A 121 5.21 6.26 -1.29
N LEU A 122 5.00 4.96 -1.48
CA LEU A 122 5.66 3.91 -0.68
C LEU A 122 7.17 4.07 -0.60
N SER A 123 7.81 4.14 -1.77
CA SER A 123 9.24 4.41 -1.85
C SER A 123 9.64 5.64 -1.05
N ARG A 124 8.88 6.73 -1.17
CA ARG A 124 9.16 7.94 -0.39
C ARG A 124 9.08 7.72 1.14
N ILE A 125 7.99 7.13 1.59
CA ILE A 125 7.82 6.83 3.00
C ILE A 125 9.07 6.05 3.43
N ARG A 126 9.30 4.93 2.78
CA ARG A 126 10.51 4.14 3.03
C ARG A 126 11.79 4.99 3.06
N ALA A 127 12.03 5.80 2.02
CA ALA A 127 13.28 6.55 1.94
C ALA A 127 13.41 7.57 3.07
N GLN A 128 12.36 8.32 3.36
CA GLN A 128 12.40 9.29 4.46
C GLN A 128 12.70 8.57 5.79
N LEU A 129 12.14 7.38 6.01
CA LEU A 129 12.43 6.63 7.25
C LEU A 129 13.91 6.23 7.31
N ALA A 130 14.40 5.57 6.26
CA ALA A 130 15.82 5.20 6.16
C ALA A 130 16.73 6.37 6.57
N SER A 131 16.52 7.52 5.94
CA SER A 131 17.22 8.78 6.27
C SER A 131 17.05 9.28 7.70
N LEU A 132 15.83 9.16 8.23
CA LEU A 132 15.51 9.66 9.58
C LEU A 132 16.07 8.80 10.72
N ASN A 133 15.65 7.55 10.80
CA ASN A 133 16.12 6.65 11.85
C ASN A 133 17.63 6.33 11.74
N GLY A 134 18.24 6.71 10.63
CA GLY A 134 19.68 6.53 10.44
C GLY A 134 20.52 7.73 10.87
N LYS A 135 20.62 8.74 10.02
CA LYS A 135 21.60 9.81 10.16
C LYS A 135 21.21 10.87 11.19
N LEU A 136 22.10 11.84 11.39
CA LEU A 136 21.88 13.05 12.23
C LEU A 136 21.68 12.83 13.74
N LYS A 137 21.99 11.65 14.27
CA LYS A 137 21.76 11.37 15.70
C LYS A 137 22.76 12.09 16.61
N ASP A 138 23.96 12.38 16.09
CA ASP A 138 24.97 13.19 16.78
C ASP A 138 25.01 14.68 16.32
N ALA A 139 23.88 15.23 15.86
CA ALA A 139 23.90 16.58 15.29
C ALA A 139 23.39 17.62 16.29
N GLU A 140 24.01 18.78 16.31
CA GLU A 140 23.59 19.82 17.25
C GLU A 140 22.28 20.47 16.83
N LYS A 141 22.12 20.71 15.52
CA LYS A 141 20.94 21.41 14.99
C LYS A 141 20.37 20.72 13.74
N PRO A 142 20.08 19.41 13.83
CA PRO A 142 19.85 18.58 12.62
C PRO A 142 18.68 19.01 11.71
N VAL A 143 18.93 19.06 10.39
CA VAL A 143 17.85 19.27 9.43
C VAL A 143 17.88 18.19 8.30
N LEU A 144 16.71 17.59 8.00
CA LEU A 144 16.45 16.77 6.80
C LEU A 144 15.56 17.56 5.90
N PHE A 145 16.07 17.75 4.68
CA PHE A 145 15.29 18.40 3.65
C PHE A 145 14.75 17.35 2.71
N PHE A 146 13.43 17.17 2.67
CA PHE A 146 12.80 16.20 1.76
C PHE A 146 12.56 16.82 0.36
N GLU A 147 12.96 16.10 -0.70
CA GLU A 147 12.61 16.51 -2.07
C GLU A 147 11.16 16.03 -2.29
N ARG A 148 10.23 16.93 -1.98
CA ARG A 148 8.79 16.72 -2.05
C ARG A 148 8.36 15.82 -0.88
N SER A 149 7.06 15.66 -0.73
CA SER A 149 6.51 14.98 0.42
C SER A 149 5.35 14.10 -0.01
N VAL A 150 4.91 13.25 0.89
CA VAL A 150 3.72 12.44 0.62
C VAL A 150 2.49 13.29 0.37
N TYR A 151 2.53 14.54 0.80
CA TYR A 151 1.46 15.49 0.52
C TYR A 151 1.51 16.01 -0.91
N SER A 152 2.69 16.15 -1.47
CA SER A 152 2.80 16.46 -2.89
C SER A 152 2.22 15.29 -3.65
N ASP A 153 2.70 14.10 -3.31
CA ASP A 153 2.30 12.87 -3.96
C ASP A 153 0.81 12.79 -4.20
N ARG A 154 0.06 13.15 -3.16
CA ARG A 154 -1.38 13.09 -3.17
C ARG A 154 -2.12 14.31 -3.70
N TYR A 155 -1.79 15.50 -3.19
CA TYR A 155 -2.64 16.67 -3.37
C TYR A 155 -2.20 17.48 -4.59
N ILE A 156 -1.05 17.11 -5.12
CA ILE A 156 -0.59 17.60 -6.39
C ILE A 156 -0.77 16.50 -7.42
N PHE A 157 0.09 15.49 -7.39
CA PHE A 157 0.23 14.62 -8.54
C PHE A 157 -0.97 13.68 -8.70
N ALA A 158 -1.27 12.89 -7.68
CA ALA A 158 -2.44 11.98 -7.71
C ALA A 158 -3.73 12.73 -8.02
N SER A 159 -4.02 13.77 -7.23
CA SER A 159 -5.19 14.66 -7.47
C SER A 159 -5.30 15.11 -8.94
N ASN A 160 -4.18 15.55 -9.52
CA ASN A 160 -4.16 16.01 -10.94
C ASN A 160 -4.53 14.87 -11.86
N LEU A 161 -4.06 13.68 -11.54
CA LEU A 161 -4.36 12.51 -12.36
C LEU A 161 -5.82 12.10 -12.22
N TYR A 162 -6.44 12.28 -11.05
CA TYR A 162 -7.89 12.03 -10.91
C TYR A 162 -8.62 13.08 -11.77
N GLU A 163 -8.35 14.33 -11.47
CA GLU A 163 -8.98 15.43 -12.17
C GLU A 163 -8.84 15.40 -13.69
N SER A 164 -7.80 14.77 -14.19
CA SER A 164 -7.56 14.68 -15.61
C SER A 164 -8.00 13.33 -16.20
N GLU A 165 -8.74 12.57 -15.40
CA GLU A 165 -9.35 11.27 -15.80
C GLU A 165 -8.37 10.11 -16.14
N SER A 166 -7.10 10.21 -15.72
CA SER A 166 -6.16 9.06 -15.82
C SER A 166 -6.25 8.15 -14.57
N MET A 167 -6.99 8.58 -13.56
CA MET A 167 -7.46 7.66 -12.53
C MET A 167 -8.97 7.81 -12.54
N ASN A 168 -9.66 6.68 -12.47
CA ASN A 168 -11.11 6.70 -12.27
C ASN A 168 -11.39 6.88 -10.77
N GLU A 169 -12.64 7.18 -10.43
CA GLU A 169 -13.07 7.40 -9.03
C GLU A 169 -12.70 6.30 -8.01
N THR A 170 -12.87 5.04 -8.42
CA THR A 170 -12.56 3.91 -7.52
C THR A 170 -11.07 3.94 -7.20
N GLU A 171 -10.22 4.16 -8.20
CA GLU A 171 -8.79 4.18 -7.97
C GLU A 171 -8.40 5.33 -7.02
N TRP A 172 -8.93 6.51 -7.32
CA TRP A 172 -8.60 7.72 -6.55
C TRP A 172 -9.00 7.54 -5.07
N THR A 173 -10.20 7.02 -4.80
CA THR A 173 -10.62 6.76 -3.40
C THR A 173 -9.96 5.51 -2.81
N ILE A 174 -9.54 4.56 -3.64
CA ILE A 174 -8.72 3.45 -3.15
C ILE A 174 -7.38 4.03 -2.71
N TYR A 175 -6.80 4.88 -3.56
CA TYR A 175 -5.51 5.49 -3.26
C TYR A 175 -5.57 6.38 -2.02
N GLN A 176 -6.62 7.19 -1.94
CA GLN A 176 -6.83 8.09 -0.82
C GLN A 176 -6.95 7.34 0.51
N ASP A 177 -7.67 6.21 0.46
CA ASP A 177 -7.77 5.25 1.59
C ASP A 177 -6.41 4.60 1.96
N TRP A 178 -5.69 4.14 0.94
CA TRP A 178 -4.32 3.62 1.07
C TRP A 178 -3.42 4.72 1.70
N HIS A 179 -3.56 5.97 1.24
CA HIS A 179 -2.72 7.11 1.72
C HIS A 179 -3.02 7.52 3.13
N ASP A 180 -4.31 7.74 3.43
CA ASP A 180 -4.75 8.12 4.78
C ASP A 180 -4.22 7.17 5.83
N TRP A 181 -4.07 5.90 5.46
CA TRP A 181 -3.78 4.85 6.43
C TRP A 181 -2.31 4.34 6.45
N MET A 182 -1.65 4.32 5.31
CA MET A 182 -0.21 4.04 5.23
C MET A 182 0.61 5.10 5.97
N ASN A 183 0.11 6.32 6.00
CA ASN A 183 0.81 7.42 6.67
C ASN A 183 0.52 7.44 8.18
N ASN A 184 -0.55 6.77 8.57
CA ASN A 184 -0.89 6.69 9.99
C ASN A 184 -0.25 5.47 10.68
N GLN A 185 -0.21 4.32 9.99
CA GLN A 185 0.49 3.13 10.53
C GLN A 185 1.97 3.36 10.72
N PHE A 186 2.65 3.67 9.62
CA PHE A 186 4.11 3.68 9.57
C PHE A 186 4.70 5.05 9.28
N GLY A 187 3.86 6.06 9.02
CA GLY A 187 4.35 7.35 8.48
C GLY A 187 4.35 8.54 9.42
N GLN A 188 3.97 8.31 10.68
CA GLN A 188 3.74 9.39 11.64
C GLN A 188 5.00 10.14 12.09
N SER A 189 6.16 9.49 12.08
CA SER A 189 7.41 10.18 12.37
C SER A 189 7.88 11.06 11.21
N LEU A 190 7.19 11.02 10.06
CA LEU A 190 7.61 11.81 8.88
C LEU A 190 7.09 13.25 8.87
N GLU A 191 6.26 13.56 9.87
CA GLU A 191 5.57 14.84 10.04
C GLU A 191 6.48 16.06 9.95
N LEU A 192 6.11 16.98 9.07
CA LEU A 192 6.95 18.11 8.68
C LEU A 192 6.88 19.23 9.69
N ASP A 193 8.05 19.82 9.96
CA ASP A 193 8.18 21.07 10.72
C ASP A 193 8.06 22.32 9.81
N GLY A 194 8.42 22.17 8.55
CA GLY A 194 8.29 23.26 7.57
C GLY A 194 8.19 22.85 6.10
N ILE A 195 7.51 23.70 5.33
CA ILE A 195 7.51 23.64 3.88
C ILE A 195 8.22 24.82 3.30
N ILE A 196 9.06 24.53 2.32
CA ILE A 196 9.73 25.54 1.53
C ILE A 196 9.21 25.40 0.08
N TYR A 197 8.55 26.44 -0.45
CA TYR A 197 8.02 26.41 -1.85
C TYR A 197 8.90 27.19 -2.81
N LEU A 198 9.47 26.44 -3.75
CA LEU A 198 10.27 26.95 -4.85
C LEU A 198 9.42 27.26 -6.07
N GLN A 199 8.88 28.47 -6.06
CA GLN A 199 7.93 28.96 -7.06
C GLN A 199 8.59 29.50 -8.34
N ALA A 200 8.20 28.93 -9.49
CA ALA A 200 8.85 29.19 -10.82
C ALA A 200 7.91 28.93 -12.02
N THR A 201 8.11 29.65 -13.12
CA THR A 201 7.10 29.60 -14.20
C THR A 201 7.07 28.27 -14.97
N PRO A 202 5.92 28.00 -15.62
CA PRO A 202 5.89 26.85 -16.50
C PRO A 202 6.92 26.93 -17.66
N GLU A 203 7.29 28.14 -18.12
CA GLU A 203 8.22 28.22 -19.27
C GLU A 203 9.66 27.98 -18.80
N THR A 204 9.99 28.60 -17.67
CA THR A 204 11.21 28.32 -16.92
C THR A 204 11.51 26.82 -16.87
N CYS A 205 10.51 26.08 -16.42
CA CYS A 205 10.60 24.64 -16.26
C CYS A 205 10.78 23.86 -17.60
N LEU A 206 10.03 24.21 -18.65
CA LEU A 206 10.15 23.57 -19.98
C LEU A 206 11.59 23.75 -20.46
N HIS A 207 12.00 25.01 -20.47
CA HIS A 207 13.40 25.33 -20.74
C HIS A 207 14.38 24.52 -19.89
N ARG A 208 14.16 24.52 -18.57
CA ARG A 208 14.94 23.73 -17.60
C ARG A 208 14.82 22.20 -17.86
N ILE A 209 13.62 21.75 -18.28
CA ILE A 209 13.48 20.35 -18.76
C ILE A 209 14.44 20.12 -19.91
N TYR A 210 14.50 21.05 -20.85
CA TYR A 210 15.36 20.92 -22.02
C TYR A 210 16.82 20.91 -21.57
N LEU A 211 17.18 21.86 -20.72
CA LEU A 211 18.54 21.93 -20.19
C LEU A 211 19.06 20.59 -19.63
N ARG A 212 18.19 19.81 -18.97
CA ARG A 212 18.60 18.56 -18.29
C ARG A 212 18.65 17.36 -19.22
N GLY A 213 17.76 17.38 -20.21
CA GLY A 213 17.86 16.54 -21.39
C GLY A 213 17.57 15.08 -21.11
N ARG A 214 16.50 14.86 -20.34
CA ARG A 214 15.98 13.54 -20.07
C ARG A 214 15.05 13.27 -21.25
N ASN A 215 15.39 12.22 -22.01
CA ASN A 215 14.69 11.83 -23.24
C ASN A 215 13.18 11.92 -23.12
N GLU A 216 12.67 11.35 -22.03
CA GLU A 216 11.25 11.16 -21.82
C GLU A 216 10.57 12.47 -21.45
N GLU A 217 11.30 13.37 -20.80
CA GLU A 217 10.72 14.61 -20.30
C GLU A 217 10.49 15.64 -21.40
N GLN A 218 11.33 15.66 -22.44
CA GLN A 218 11.25 16.62 -23.53
C GLN A 218 9.89 16.59 -24.20
N GLY A 219 9.30 15.39 -24.26
CA GLY A 219 7.89 15.23 -24.65
C GLY A 219 6.87 15.84 -23.68
N ILE A 220 7.27 16.21 -22.46
CA ILE A 220 6.34 16.88 -21.51
C ILE A 220 6.02 18.33 -21.95
N PRO A 221 4.73 18.68 -22.08
CA PRO A 221 4.38 19.99 -22.60
C PRO A 221 3.98 20.99 -21.53
N LEU A 222 4.09 22.27 -21.90
CA LEU A 222 3.70 23.40 -21.06
C LEU A 222 2.37 23.22 -20.33
N GLU A 223 1.42 22.56 -20.99
CA GLU A 223 0.04 22.47 -20.50
C GLU A 223 -0.08 21.75 -19.16
N TYR A 224 0.61 20.61 -19.09
CA TYR A 224 0.72 19.84 -17.87
C TYR A 224 1.44 20.65 -16.80
N LEU A 225 2.56 21.26 -17.16
CA LEU A 225 3.31 22.12 -16.20
C LEU A 225 2.41 23.24 -15.69
N GLU A 226 1.63 23.84 -16.57
CA GLU A 226 0.64 24.81 -16.12
C GLU A 226 -0.29 24.17 -15.10
N LYS A 227 -0.79 22.97 -15.38
CA LYS A 227 -1.73 22.35 -14.45
C LYS A 227 -1.05 22.09 -13.13
N LEU A 228 0.14 21.51 -13.20
CA LEU A 228 0.88 21.20 -11.99
C LEU A 228 1.23 22.51 -11.30
N HIS A 229 1.67 23.51 -12.08
CA HIS A 229 1.95 24.84 -11.54
C HIS A 229 0.75 25.33 -10.76
N TYR A 230 -0.46 25.03 -11.23
CA TYR A 230 -1.69 25.58 -10.66
C TYR A 230 -2.11 24.97 -9.33
N LYS A 231 -1.83 23.69 -9.11
CA LYS A 231 -2.19 23.05 -7.83
C LYS A 231 -1.26 23.45 -6.65
N HIS A 232 0.00 23.75 -6.95
CA HIS A 232 0.94 24.24 -5.92
C HIS A 232 0.49 25.53 -5.28
N GLU A 233 0.36 26.58 -6.09
CA GLU A 233 -0.19 27.85 -5.62
C GLU A 233 -1.40 27.71 -4.71
N SER A 234 -2.38 26.87 -5.06
CA SER A 234 -3.58 26.73 -4.21
C SER A 234 -3.28 26.12 -2.84
N TRP A 235 -2.30 25.24 -2.78
CA TRP A 235 -1.93 24.64 -1.50
C TRP A 235 -1.04 25.57 -0.69
N LEU A 236 -0.03 26.14 -1.32
CA LEU A 236 1.09 26.73 -0.59
C LEU A 236 0.97 28.24 -0.35
N LEU A 237 0.08 28.92 -1.08
CA LEU A 237 0.03 30.38 -1.05
C LEU A 237 -1.27 30.90 -0.45
N HIS A 238 -2.38 30.50 -1.05
CA HIS A 238 -3.70 30.84 -0.55
C HIS A 238 -4.10 29.98 0.63
N ARG A 239 -3.56 28.77 0.67
CA ARG A 239 -3.96 27.78 1.68
C ARG A 239 -5.44 27.46 1.51
N THR A 240 -5.79 27.23 0.24
CA THR A 240 -7.12 26.84 -0.20
C THR A 240 -7.42 25.35 0.10
N LEU A 241 -6.38 24.57 0.34
CA LEU A 241 -6.48 23.11 0.43
C LEU A 241 -6.88 22.64 1.81
N LYS A 242 -8.03 21.99 1.87
CA LYS A 242 -8.40 21.09 2.96
C LYS A 242 -7.61 19.80 2.77
N THR A 243 -6.78 19.44 3.74
CA THR A 243 -6.14 18.12 3.74
C THR A 243 -6.79 17.35 4.86
N ASN A 244 -6.63 16.03 4.83
CA ASN A 244 -7.14 15.18 5.88
C ASN A 244 -6.22 15.16 7.09
N PHE A 245 -5.10 15.88 6.97
CA PHE A 245 -4.08 16.03 7.99
C PHE A 245 -4.07 17.47 8.57
N ASP A 246 -4.82 17.69 9.65
CA ASP A 246 -5.09 19.07 10.10
C ASP A 246 -3.83 19.88 10.43
N TYR A 247 -2.90 19.24 11.15
CA TYR A 247 -1.62 19.87 11.52
C TYR A 247 -0.98 20.71 10.38
N LEU A 248 -1.27 20.37 9.12
CA LEU A 248 -0.77 21.17 7.98
C LEU A 248 -1.31 22.58 7.93
N GLN A 249 -2.48 22.81 8.52
CA GLN A 249 -3.02 24.15 8.73
C GLN A 249 -2.01 25.07 9.42
N GLU A 250 -1.30 24.53 10.41
CA GLU A 250 -0.31 25.30 11.16
C GLU A 250 1.14 25.26 10.68
N VAL A 251 1.53 24.31 9.83
CA VAL A 251 2.94 24.27 9.36
C VAL A 251 3.32 25.58 8.65
N PRO A 252 4.39 26.25 9.13
CA PRO A 252 4.80 27.48 8.44
C PRO A 252 5.37 27.21 7.06
N ILE A 253 5.00 28.03 6.07
CA ILE A 253 5.55 27.89 4.73
C ILE A 253 6.49 29.05 4.47
N LEU A 254 7.52 28.81 3.67
CA LEU A 254 8.33 29.86 3.06
C LEU A 254 8.22 29.67 1.57
N THR A 255 8.15 30.78 0.81
CA THR A 255 8.15 30.71 -0.67
C THR A 255 9.31 31.44 -1.30
N LEU A 256 9.98 30.82 -2.28
CA LEU A 256 11.23 31.35 -2.87
C LEU A 256 11.25 31.39 -4.42
N ASP A 257 11.48 32.60 -4.95
CA ASP A 257 11.45 32.87 -6.39
C ASP A 257 12.69 32.29 -7.09
N VAL A 258 12.52 31.19 -7.83
CA VAL A 258 13.67 30.54 -8.46
C VAL A 258 13.60 30.70 -9.98
N ASN A 259 12.79 31.66 -10.42
CA ASN A 259 12.75 32.10 -11.81
C ASN A 259 14.13 32.57 -12.25
N GLU A 260 14.78 33.37 -11.42
CA GLU A 260 16.16 33.74 -11.70
C GLU A 260 17.11 32.56 -11.40
N ASP A 261 18.01 32.27 -12.33
CA ASP A 261 19.09 31.30 -12.11
C ASP A 261 19.66 31.54 -10.70
N PHE A 262 19.88 30.48 -9.92
CA PHE A 262 20.43 30.73 -8.58
C PHE A 262 21.69 29.97 -8.19
N LYS A 263 22.32 29.30 -9.17
CA LYS A 263 23.44 28.40 -8.95
C LYS A 263 24.77 29.07 -8.64
N ASP A 264 24.90 30.33 -9.03
CA ASP A 264 26.09 31.08 -8.75
C ASP A 264 25.79 32.14 -7.71
N LYS A 265 24.52 32.23 -7.31
CA LYS A 265 23.96 33.36 -6.57
C LYS A 265 22.77 32.95 -5.67
N TYR A 266 23.05 32.12 -4.67
CA TYR A 266 22.00 31.61 -3.80
C TYR A 266 22.03 32.16 -2.37
N GLU A 267 22.89 33.12 -2.08
CA GLU A 267 23.03 33.56 -0.68
C GLU A 267 21.75 34.17 -0.12
N SER A 268 21.09 35.03 -0.90
CA SER A 268 19.82 35.57 -0.44
C SER A 268 18.85 34.40 -0.26
N LEU A 269 18.88 33.44 -1.17
CA LEU A 269 18.04 32.24 -1.07
C LEU A 269 18.33 31.46 0.22
N VAL A 270 19.59 31.21 0.51
CA VAL A 270 19.97 30.46 1.72
C VAL A 270 19.82 31.30 3.00
N GLU A 271 20.11 32.60 2.92
CA GLU A 271 19.79 33.53 4.01
C GLU A 271 18.29 33.47 4.39
N LYS A 272 17.40 33.33 3.41
CA LYS A 272 15.96 33.26 3.71
C LYS A 272 15.58 31.97 4.46
N VAL A 273 16.19 30.85 4.05
CA VAL A 273 16.00 29.54 4.68
C VAL A 273 16.46 29.60 6.14
N LYS A 274 17.63 30.22 6.37
CA LYS A 274 18.24 30.29 7.69
C LYS A 274 17.34 30.98 8.71
N GLU A 275 16.69 32.05 8.28
CA GLU A 275 15.75 32.78 9.14
C GLU A 275 14.45 31.99 9.38
N PHE A 276 13.96 31.35 8.33
CA PHE A 276 12.86 30.40 8.46
C PHE A 276 13.13 29.36 9.56
N LEU A 277 14.24 28.62 9.45
CA LEU A 277 14.57 27.52 10.39
C LEU A 277 14.56 27.94 11.86
N SER A 278 15.01 29.16 12.14
CA SER A 278 15.08 29.64 13.52
C SER A 278 13.75 30.24 14.03
N THR A 279 12.72 30.32 13.17
CA THR A 279 11.36 30.70 13.59
C THR A 279 10.46 29.48 13.73
N LEU A 280 10.94 28.33 13.26
CA LEU A 280 10.30 27.06 13.55
C LEU A 280 10.87 26.60 14.88
N ARG B 40 -0.50 -12.58 24.49
CA ARG B 40 -1.38 -13.71 24.94
C ARG B 40 -2.47 -14.04 23.92
N ILE B 41 -2.83 -13.15 23.01
CA ILE B 41 -3.76 -13.55 21.94
C ILE B 41 -3.10 -14.56 20.99
N LYS B 42 -3.84 -15.64 20.71
CA LYS B 42 -3.44 -16.63 19.73
C LYS B 42 -4.17 -16.28 18.43
N LYS B 43 -3.43 -16.42 17.32
CA LYS B 43 -3.92 -16.01 16.02
C LYS B 43 -3.82 -17.23 15.14
N ILE B 44 -4.95 -17.61 14.56
CA ILE B 44 -5.03 -18.85 13.82
C ILE B 44 -5.79 -18.56 12.56
N SER B 45 -5.18 -18.93 11.43
CA SER B 45 -5.76 -18.62 10.15
C SER B 45 -6.55 -19.83 9.59
N ILE B 46 -7.76 -19.57 9.12
CA ILE B 46 -8.60 -20.59 8.43
C ILE B 46 -8.52 -20.36 6.94
N GLU B 47 -7.93 -21.34 6.25
CA GLU B 47 -7.67 -21.24 4.81
C GLU B 47 -8.54 -22.25 4.04
N GLY B 48 -8.82 -21.92 2.77
CA GLY B 48 -9.62 -22.77 1.88
C GLY B 48 -10.10 -22.10 0.60
N ASN B 49 -10.33 -22.93 -0.41
CA ASN B 49 -10.85 -22.47 -1.69
C ASN B 49 -12.18 -21.74 -1.56
N ILE B 50 -12.57 -21.09 -2.65
CA ILE B 50 -13.87 -20.43 -2.80
C ILE B 50 -15.03 -21.41 -2.51
N ALA B 51 -15.78 -21.13 -1.44
CA ALA B 51 -16.91 -21.96 -1.05
C ALA B 51 -16.56 -23.33 -0.39
N ALA B 52 -15.29 -23.54 -0.06
CA ALA B 52 -14.86 -24.73 0.68
C ALA B 52 -15.53 -24.90 2.06
N GLY B 53 -15.96 -23.80 2.67
CA GLY B 53 -16.73 -23.83 3.94
C GLY B 53 -16.18 -23.01 5.11
N LYS B 54 -15.28 -22.07 4.80
CA LYS B 54 -14.58 -21.24 5.78
C LYS B 54 -15.47 -20.45 6.74
N SER B 55 -16.29 -19.59 6.15
CA SER B 55 -17.24 -18.77 6.90
C SER B 55 -18.26 -19.57 7.70
N THR B 56 -18.82 -20.59 7.07
CA THR B 56 -19.79 -21.50 7.72
C THR B 56 -19.17 -22.05 8.98
N PHE B 57 -17.96 -22.60 8.84
CA PHE B 57 -17.20 -23.14 9.95
C PHE B 57 -16.87 -22.09 11.01
N VAL B 58 -16.34 -20.97 10.57
CA VAL B 58 -15.96 -19.92 11.49
C VAL B 58 -17.20 -19.45 12.27
N ASN B 59 -18.34 -19.33 11.60
CA ASN B 59 -19.56 -18.96 12.31
C ASN B 59 -19.98 -20.03 13.34
N ILE B 60 -19.66 -21.30 13.07
CA ILE B 60 -19.92 -22.35 14.06
C ILE B 60 -18.97 -22.22 15.26
N LEU B 61 -17.71 -21.87 14.99
CA LEU B 61 -16.67 -21.70 16.02
C LEU B 61 -16.86 -20.52 16.97
N LYS B 62 -17.29 -19.39 16.41
CA LYS B 62 -17.55 -18.19 17.20
C LYS B 62 -18.62 -18.46 18.28
N GLN B 63 -19.58 -19.33 18.00
CA GLN B 63 -20.67 -19.65 18.94
C GLN B 63 -20.36 -20.65 20.08
N LEU B 64 -19.30 -21.44 19.93
CA LEU B 64 -18.92 -22.42 20.96
C LEU B 64 -18.21 -21.78 22.17
N SER B 65 -17.51 -20.67 21.92
CA SER B 65 -16.72 -20.03 22.97
C SER B 65 -16.90 -18.50 23.00
N GLU B 66 -17.39 -18.02 24.13
CA GLU B 66 -17.20 -16.61 24.52
C GLU B 66 -15.71 -16.21 24.37
N ASP B 67 -14.80 -17.16 24.54
CA ASP B 67 -13.35 -16.91 24.33
C ASP B 67 -12.96 -16.84 22.85
N TRP B 68 -13.84 -17.23 21.95
CA TRP B 68 -13.45 -17.37 20.55
C TRP B 68 -14.05 -16.28 19.66
N GLU B 69 -13.15 -15.61 18.93
CA GLU B 69 -13.54 -14.58 17.97
C GLU B 69 -12.96 -14.84 16.58
N VAL B 70 -13.47 -14.05 15.62
CA VAL B 70 -13.34 -14.32 14.17
C VAL B 70 -13.13 -12.99 13.47
N VAL B 71 -12.34 -12.95 12.39
CA VAL B 71 -12.31 -11.77 11.53
C VAL B 71 -12.76 -12.22 10.16
N PRO B 72 -13.98 -11.87 9.78
CA PRO B 72 -14.35 -12.19 8.41
C PRO B 72 -13.43 -11.47 7.42
N GLU B 73 -13.03 -12.17 6.36
CA GLU B 73 -12.22 -11.61 5.26
C GLU B 73 -12.98 -10.53 4.48
N PRO B 74 -12.37 -9.37 4.24
CA PRO B 74 -13.19 -8.30 3.65
C PRO B 74 -13.73 -8.56 2.26
N VAL B 75 -13.02 -9.30 1.40
CA VAL B 75 -13.56 -9.48 0.06
C VAL B 75 -14.78 -10.38 0.10
N ALA B 76 -14.90 -11.17 1.17
CA ALA B 76 -16.11 -11.92 1.42
C ALA B 76 -17.24 -10.94 1.72
N ARG B 77 -17.01 -9.95 2.57
CA ARG B 77 -18.05 -8.94 2.82
C ARG B 77 -18.42 -8.12 1.59
N TRP B 78 -17.44 -7.77 0.76
CA TRP B 78 -17.73 -7.09 -0.51
C TRP B 78 -18.42 -8.09 -1.43
N SER B 79 -18.19 -9.39 -1.17
CA SER B 79 -18.78 -10.47 -1.98
C SER B 79 -20.27 -10.73 -1.76
N ASN B 80 -20.95 -9.87 -1.01
CA ASN B 80 -22.41 -9.73 -1.06
C ASN B 80 -22.95 -10.30 -2.35
N LEU B 91 -23.39 0.61 3.52
CA LEU B 91 -22.04 0.10 3.29
C LEU B 91 -21.01 1.22 3.50
N THR B 92 -19.88 0.89 4.13
CA THR B 92 -18.86 1.90 4.43
C THR B 92 -18.12 2.38 3.16
N MET B 93 -17.19 3.30 3.31
CA MET B 93 -16.39 3.77 2.16
C MET B 93 -15.56 2.63 1.59
N GLU B 94 -15.00 1.80 2.47
CA GLU B 94 -14.31 0.57 2.05
C GLU B 94 -15.21 -0.40 1.29
N GLN B 95 -16.44 -0.54 1.75
CA GLN B 95 -17.39 -1.50 1.18
C GLN B 95 -17.86 -0.99 -0.20
N LYS B 96 -18.03 0.32 -0.32
CA LYS B 96 -18.24 0.95 -1.62
C LYS B 96 -17.11 0.63 -2.63
N ASN B 97 -15.86 0.92 -2.26
CA ASN B 97 -14.70 0.71 -3.17
C ASN B 97 -14.58 -0.75 -3.57
N GLY B 98 -14.84 -1.63 -2.61
CA GLY B 98 -14.59 -3.09 -2.75
C GLY B 98 -15.61 -3.75 -3.67
N GLY B 99 -16.90 -3.40 -3.50
CA GLY B 99 -17.94 -3.83 -4.42
C GLY B 99 -17.58 -3.39 -5.84
N ASN B 100 -17.22 -2.12 -5.97
CA ASN B 100 -16.78 -1.59 -7.24
C ASN B 100 -15.55 -2.28 -7.79
N VAL B 101 -14.47 -2.33 -7.03
CA VAL B 101 -13.26 -3.02 -7.52
C VAL B 101 -13.55 -4.52 -7.73
N LEU B 102 -14.31 -5.14 -6.83
CA LEU B 102 -14.72 -6.55 -7.05
C LEU B 102 -15.34 -6.86 -8.41
N GLN B 103 -16.34 -6.06 -8.79
CA GLN B 103 -17.05 -6.25 -10.07
C GLN B 103 -16.15 -5.98 -11.27
N MET B 104 -15.21 -5.05 -11.09
CA MET B 104 -14.26 -4.72 -12.15
CA MET B 104 -14.24 -4.67 -12.12
C MET B 104 -13.27 -5.84 -12.39
N MET B 105 -12.82 -6.47 -11.31
CA MET B 105 -11.98 -7.67 -11.35
C MET B 105 -12.67 -8.78 -12.12
N TYR B 106 -13.96 -8.97 -11.86
CA TYR B 106 -14.75 -9.99 -12.58
C TYR B 106 -14.86 -9.63 -14.04
N GLU B 107 -15.10 -8.35 -14.32
CA GLU B 107 -15.25 -7.84 -15.69
C GLU B 107 -13.98 -7.99 -16.53
N LYS B 108 -12.84 -7.60 -15.95
CA LYS B 108 -11.54 -7.67 -16.63
C LYS B 108 -10.34 -7.82 -15.65
N PRO B 109 -9.97 -9.07 -15.29
CA PRO B 109 -8.88 -9.29 -14.31
C PRO B 109 -7.49 -8.75 -14.65
N GLU B 110 -7.09 -8.83 -15.92
CA GLU B 110 -5.75 -8.43 -16.30
C GLU B 110 -5.47 -6.94 -16.04
N ARG B 111 -6.50 -6.10 -16.10
CA ARG B 111 -6.42 -4.69 -15.75
C ARG B 111 -6.46 -4.42 -14.22
N TRP B 112 -7.27 -5.19 -13.47
CA TRP B 112 -7.58 -4.89 -12.05
C TRP B 112 -6.98 -5.80 -10.98
N SER B 113 -6.34 -6.90 -11.35
CA SER B 113 -5.68 -7.74 -10.35
C SER B 113 -4.84 -6.98 -9.32
N PHE B 114 -3.85 -6.23 -9.79
CA PHE B 114 -2.95 -5.53 -8.89
C PHE B 114 -3.72 -4.55 -7.99
N THR B 115 -4.67 -3.82 -8.58
CA THR B 115 -5.49 -2.88 -7.82
C THR B 115 -6.31 -3.66 -6.79
N PHE B 116 -7.02 -4.70 -7.26
CA PHE B 116 -7.76 -5.56 -6.36
C PHE B 116 -6.90 -6.19 -5.25
N GLN B 117 -5.72 -6.68 -5.60
CA GLN B 117 -4.87 -7.36 -4.62
C GLN B 117 -4.38 -6.44 -3.50
N THR B 118 -3.84 -5.27 -3.86
CA THR B 118 -3.36 -4.33 -2.86
C THR B 118 -4.50 -3.93 -1.90
N TYR B 119 -5.67 -3.67 -2.46
CA TYR B 119 -6.77 -3.20 -1.64
C TYR B 119 -7.36 -4.30 -0.75
N ALA B 120 -7.53 -5.51 -1.29
CA ALA B 120 -7.98 -6.65 -0.47
C ALA B 120 -7.08 -6.88 0.75
N CYS B 121 -5.77 -6.81 0.53
CA CYS B 121 -4.79 -7.10 1.58
C CYS B 121 -4.70 -5.96 2.62
N LEU B 122 -4.67 -4.72 2.16
CA LEU B 122 -4.76 -3.56 3.06
C LEU B 122 -5.99 -3.68 3.97
N SER B 123 -7.12 -3.96 3.33
CA SER B 123 -8.42 -4.09 4.01
C SER B 123 -8.43 -5.25 5.01
N ARG B 124 -7.76 -6.35 4.64
CA ARG B 124 -7.54 -7.47 5.57
C ARG B 124 -6.69 -7.07 6.75
N ILE B 125 -5.57 -6.39 6.50
CA ILE B 125 -4.61 -6.07 7.53
C ILE B 125 -5.22 -5.11 8.52
N ARG B 126 -6.10 -4.25 8.03
CA ARG B 126 -6.72 -3.27 8.87
C ARG B 126 -7.74 -3.90 9.79
N ALA B 127 -8.57 -4.80 9.27
CA ALA B 127 -9.55 -5.47 10.12
C ALA B 127 -8.91 -6.42 11.13
N GLN B 128 -7.77 -7.03 10.76
CA GLN B 128 -7.03 -7.94 11.62
C GLN B 128 -6.28 -7.18 12.74
N LEU B 129 -5.71 -6.02 12.42
CA LEU B 129 -5.12 -5.16 13.44
C LEU B 129 -6.21 -4.70 14.43
N ALA B 130 -7.41 -4.45 13.91
CA ALA B 130 -8.56 -3.97 14.68
C ALA B 130 -9.06 -4.94 15.74
N SER B 131 -9.27 -6.20 15.35
CA SER B 131 -9.62 -7.28 16.31
C SER B 131 -8.62 -7.36 17.46
N LEU B 132 -7.35 -7.56 17.15
CA LEU B 132 -6.27 -7.65 18.16
C LEU B 132 -6.28 -6.51 19.16
N ASN B 133 -6.76 -5.37 18.69
CA ASN B 133 -6.88 -4.17 19.51
C ASN B 133 -8.26 -3.99 20.11
N GLY B 134 -9.28 -4.56 19.46
CA GLY B 134 -10.69 -4.35 19.83
C GLY B 134 -11.44 -5.51 20.46
N LYS B 135 -11.22 -6.72 19.97
CA LYS B 135 -12.02 -7.89 20.39
C LYS B 135 -11.44 -8.58 21.62
N LEU B 136 -12.27 -9.41 22.26
CA LEU B 136 -11.83 -10.39 23.26
C LEU B 136 -10.99 -9.86 24.40
N LYS B 137 -11.37 -8.75 25.01
CA LYS B 137 -10.40 -8.11 25.90
C LYS B 137 -10.19 -8.87 27.22
N ASP B 138 -11.30 -9.27 27.83
CA ASP B 138 -11.35 -9.94 29.14
C ASP B 138 -10.90 -11.42 29.12
N ALA B 139 -11.32 -12.14 28.09
CA ALA B 139 -11.19 -13.61 28.01
C ALA B 139 -9.88 -14.19 28.57
N GLU B 140 -10.00 -15.34 29.24
CA GLU B 140 -8.85 -16.02 29.87
C GLU B 140 -7.99 -16.82 28.91
N LYS B 141 -8.56 -17.29 27.82
CA LYS B 141 -7.78 -18.00 26.80
C LYS B 141 -8.29 -17.49 25.48
N PRO B 142 -7.75 -16.36 25.02
CA PRO B 142 -8.23 -15.77 23.79
C PRO B 142 -7.61 -16.43 22.56
N VAL B 143 -8.45 -16.63 21.54
CA VAL B 143 -8.08 -17.20 20.25
C VAL B 143 -8.85 -16.39 19.22
N LEU B 144 -8.11 -15.82 18.27
CA LEU B 144 -8.71 -15.09 17.18
C LEU B 144 -8.56 -15.94 15.91
N PHE B 145 -9.70 -16.23 15.30
CA PHE B 145 -9.77 -16.96 14.04
C PHE B 145 -9.88 -16.01 12.88
N PHE B 146 -8.83 -15.98 12.08
CA PHE B 146 -8.81 -15.17 10.87
C PHE B 146 -9.33 -15.97 9.69
N GLU B 147 -10.27 -15.38 8.94
CA GLU B 147 -10.71 -16.01 7.71
C GLU B 147 -9.71 -15.59 6.63
N ARG B 148 -8.85 -16.54 6.27
CA ARG B 148 -7.70 -16.32 5.43
C ARG B 148 -6.68 -15.32 6.02
N SER B 149 -5.58 -15.12 5.30
CA SER B 149 -4.41 -14.42 5.82
C SER B 149 -3.71 -13.63 4.72
N VAL B 150 -2.73 -12.82 5.14
CA VAL B 150 -1.94 -12.06 4.18
C VAL B 150 -1.01 -12.94 3.35
N TYR B 151 -0.72 -14.14 3.85
CA TYR B 151 0.10 -15.10 3.12
C TYR B 151 -0.76 -15.73 2.02
N SER B 152 -2.06 -15.92 2.27
CA SER B 152 -2.93 -16.46 1.23
C SER B 152 -3.26 -15.41 0.17
N ASP B 153 -3.30 -14.14 0.58
CA ASP B 153 -3.37 -13.02 -0.36
C ASP B 153 -2.28 -13.11 -1.42
N ARG B 154 -1.04 -13.29 -0.96
CA ARG B 154 0.15 -13.21 -1.78
C ARG B 154 0.44 -14.55 -2.45
N TYR B 155 0.58 -15.61 -1.65
CA TYR B 155 1.13 -16.87 -2.17
C TYR B 155 0.12 -17.85 -2.78
N ILE B 156 -1.16 -17.55 -2.64
CA ILE B 156 -2.21 -18.28 -3.32
C ILE B 156 -2.77 -17.40 -4.44
N PHE B 157 -3.35 -16.25 -4.09
CA PHE B 157 -4.20 -15.52 -5.00
C PHE B 157 -3.40 -14.55 -5.87
N ALA B 158 -2.53 -13.73 -5.28
CA ALA B 158 -1.73 -12.77 -6.06
C ALA B 158 -0.76 -13.53 -6.95
N SER B 159 -0.08 -14.52 -6.38
CA SER B 159 0.74 -15.45 -7.18
C SER B 159 -0.01 -16.11 -8.37
N ASN B 160 -1.19 -16.68 -8.12
CA ASN B 160 -1.98 -17.33 -9.20
C ASN B 160 -2.45 -16.40 -10.33
N LEU B 161 -2.90 -15.20 -10.00
CA LEU B 161 -3.25 -14.21 -11.02
C LEU B 161 -2.02 -13.91 -11.89
N TYR B 162 -0.84 -13.74 -11.27
CA TYR B 162 0.40 -13.50 -12.00
C TYR B 162 0.82 -14.67 -12.92
N GLU B 163 0.51 -15.88 -12.48
CA GLU B 163 0.80 -17.10 -13.24
C GLU B 163 -0.19 -17.18 -14.42
N SER B 164 -1.37 -16.63 -14.20
CA SER B 164 -2.41 -16.62 -15.21
C SER B 164 -2.29 -15.35 -16.03
N GLU B 165 -1.17 -14.65 -15.83
CA GLU B 165 -0.75 -13.49 -16.61
C GLU B 165 -1.69 -12.31 -16.44
N SER B 166 -2.34 -12.23 -15.28
CA SER B 166 -3.30 -11.17 -15.03
C SER B 166 -2.57 -9.98 -14.38
N MET B 167 -1.39 -10.24 -13.84
CA MET B 167 -0.40 -9.25 -13.41
C MET B 167 0.94 -9.49 -14.10
N ASN B 168 1.59 -8.43 -14.59
CA ASN B 168 2.93 -8.60 -15.18
C ASN B 168 4.03 -8.70 -14.10
N GLU B 169 5.29 -8.89 -14.51
CA GLU B 169 6.42 -9.00 -13.56
C GLU B 169 6.55 -7.76 -12.71
N THR B 170 6.42 -6.58 -13.34
CA THR B 170 6.52 -5.32 -12.60
C THR B 170 5.34 -5.23 -11.65
N GLU B 171 4.12 -5.59 -12.06
CA GLU B 171 2.97 -5.54 -11.10
C GLU B 171 3.19 -6.47 -9.92
N TRP B 172 3.82 -7.60 -10.22
CA TRP B 172 4.07 -8.66 -9.24
C TRP B 172 5.20 -8.28 -8.30
N THR B 173 6.31 -7.77 -8.84
CA THR B 173 7.47 -7.41 -8.01
C THR B 173 7.17 -6.18 -7.09
N ILE B 174 6.33 -5.27 -7.56
CA ILE B 174 5.91 -4.09 -6.77
C ILE B 174 4.98 -4.54 -5.65
N TYR B 175 4.06 -5.46 -6.00
CA TYR B 175 3.16 -6.07 -5.02
C TYR B 175 3.93 -6.73 -3.89
N GLN B 176 4.97 -7.49 -4.25
CA GLN B 176 5.73 -8.24 -3.26
C GLN B 176 6.56 -7.32 -2.37
N ASP B 177 7.23 -6.37 -3.01
CA ASP B 177 7.98 -5.35 -2.30
C ASP B 177 7.08 -4.74 -1.21
N TRP B 178 5.91 -4.20 -1.61
CA TRP B 178 4.95 -3.59 -0.70
C TRP B 178 4.45 -4.54 0.38
N HIS B 179 4.22 -5.80 0.01
CA HIS B 179 3.76 -6.83 0.95
C HIS B 179 4.77 -7.08 2.05
N ASP B 180 6.06 -7.16 1.69
CA ASP B 180 7.12 -7.28 2.71
C ASP B 180 7.17 -6.05 3.57
N TRP B 181 7.57 -4.93 2.97
CA TRP B 181 7.94 -3.76 3.75
C TRP B 181 7.00 -3.68 4.92
N MET B 182 5.71 -3.67 4.59
CA MET B 182 4.61 -3.61 5.52
C MET B 182 4.50 -4.81 6.49
N ASN B 183 4.71 -6.04 6.01
CA ASN B 183 4.55 -7.24 6.83
C ASN B 183 5.84 -7.61 7.55
N ASN B 184 6.84 -6.77 7.38
CA ASN B 184 8.01 -6.78 8.25
C ASN B 184 7.89 -5.65 9.29
N GLN B 185 7.13 -4.59 8.96
CA GLN B 185 6.88 -3.43 9.85
C GLN B 185 6.18 -3.83 11.16
N PHE B 186 5.32 -4.84 11.07
CA PHE B 186 4.49 -5.26 12.18
C PHE B 186 5.16 -6.18 13.20
N GLY B 187 6.34 -6.72 12.86
CA GLY B 187 7.15 -7.50 13.81
C GLY B 187 6.41 -8.35 14.84
N GLN B 188 5.88 -9.49 14.39
CA GLN B 188 5.18 -10.47 15.27
C GLN B 188 3.70 -10.17 15.59
N SER B 189 3.20 -8.99 15.28
CA SER B 189 1.86 -8.60 15.72
C SER B 189 0.74 -9.44 15.12
N LEU B 190 0.85 -9.67 13.82
CA LEU B 190 -0.10 -10.48 13.08
C LEU B 190 0.39 -11.90 12.83
N GLU B 191 1.68 -12.15 13.04
CA GLU B 191 2.29 -13.45 12.79
C GLU B 191 1.45 -14.58 13.39
N LEU B 192 1.30 -15.67 12.64
CA LEU B 192 0.40 -16.75 12.99
C LEU B 192 1.01 -17.72 14.01
N ASP B 193 0.13 -18.27 14.85
CA ASP B 193 0.46 -19.35 15.78
C ASP B 193 0.17 -20.70 15.17
N GLY B 194 -0.81 -20.71 14.28
CA GLY B 194 -1.05 -21.87 13.46
C GLY B 194 -2.06 -21.60 12.38
N ILE B 195 -2.42 -22.66 11.68
CA ILE B 195 -3.34 -22.59 10.57
C ILE B 195 -4.20 -23.82 10.47
N ILE B 196 -5.47 -23.62 10.14
CA ILE B 196 -6.39 -24.73 9.88
C ILE B 196 -6.82 -24.68 8.41
N TYR B 197 -6.51 -25.74 7.67
CA TYR B 197 -6.83 -25.87 6.25
C TYR B 197 -8.11 -26.68 6.08
N LEU B 198 -9.17 -26.01 5.67
CA LEU B 198 -10.40 -26.66 5.26
C LEU B 198 -10.13 -27.18 3.85
N GLN B 199 -10.26 -28.48 3.69
CA GLN B 199 -9.89 -29.13 2.45
C GLN B 199 -11.17 -29.67 1.82
N ALA B 200 -11.36 -29.26 0.57
CA ALA B 200 -12.44 -29.73 -0.27
C ALA B 200 -11.83 -30.05 -1.64
N THR B 201 -12.56 -30.83 -2.44
CA THR B 201 -12.21 -30.98 -3.85
C THR B 201 -12.78 -29.78 -4.60
N PRO B 202 -12.11 -29.37 -5.70
CA PRO B 202 -12.67 -28.29 -6.51
C PRO B 202 -14.16 -28.54 -6.80
N GLU B 203 -14.50 -29.82 -7.01
CA GLU B 203 -15.86 -30.26 -7.29
C GLU B 203 -16.88 -29.92 -6.19
N THR B 204 -16.52 -30.21 -4.95
CA THR B 204 -17.33 -29.75 -3.81
C THR B 204 -17.44 -28.23 -3.83
N CYS B 205 -16.29 -27.57 -3.94
CA CYS B 205 -16.26 -26.12 -4.03
C CYS B 205 -17.22 -25.63 -5.14
N LEU B 206 -17.27 -26.31 -6.29
CA LEU B 206 -18.10 -25.82 -7.41
C LEU B 206 -19.58 -25.88 -7.09
N HIS B 207 -19.97 -26.96 -6.44
CA HIS B 207 -21.35 -27.10 -5.99
C HIS B 207 -21.71 -25.98 -5.02
N ARG B 208 -20.85 -25.83 -4.03
CA ARG B 208 -21.10 -24.91 -2.92
C ARG B 208 -21.39 -23.49 -3.42
N ILE B 209 -20.75 -23.08 -4.51
CA ILE B 209 -21.05 -21.77 -5.10
C ILE B 209 -22.49 -21.68 -5.65
N TYR B 210 -23.00 -22.79 -6.17
CA TYR B 210 -24.37 -22.84 -6.65
C TYR B 210 -25.37 -22.69 -5.49
N LEU B 211 -25.06 -23.33 -4.37
CA LEU B 211 -25.88 -23.24 -3.15
C LEU B 211 -25.87 -21.84 -2.57
N ARG B 212 -24.66 -21.31 -2.41
CA ARG B 212 -24.44 -19.97 -1.90
C ARG B 212 -25.25 -18.96 -2.72
N GLY B 213 -25.25 -19.14 -4.04
CA GLY B 213 -26.21 -18.47 -4.93
C GLY B 213 -25.89 -17.10 -5.52
N ARG B 214 -24.75 -16.51 -5.16
CA ARG B 214 -24.35 -15.18 -5.69
C ARG B 214 -24.24 -15.13 -7.20
N ASN B 215 -25.19 -14.45 -7.85
CA ASN B 215 -25.19 -14.18 -9.29
C ASN B 215 -23.81 -13.99 -9.96
N GLU B 216 -23.00 -13.13 -9.37
CA GLU B 216 -21.74 -12.67 -9.94
C GLU B 216 -20.62 -13.72 -9.81
N GLU B 217 -20.86 -14.77 -9.00
CA GLU B 217 -19.91 -15.88 -8.84
C GLU B 217 -20.28 -17.10 -9.71
N GLN B 218 -21.40 -17.02 -10.45
CA GLN B 218 -21.99 -18.23 -11.04
C GLN B 218 -21.27 -18.71 -12.31
N GLY B 219 -20.24 -17.98 -12.77
CA GLY B 219 -19.40 -18.42 -13.90
C GLY B 219 -17.96 -18.84 -13.58
N ILE B 220 -17.52 -18.66 -12.33
CA ILE B 220 -16.18 -19.13 -11.97
C ILE B 220 -16.08 -20.56 -12.43
N PRO B 221 -15.17 -20.80 -13.39
CA PRO B 221 -15.12 -22.13 -13.98
C PRO B 221 -14.37 -23.10 -13.11
N LEU B 222 -14.61 -24.38 -13.36
CA LEU B 222 -14.02 -25.45 -12.56
C LEU B 222 -12.50 -25.39 -12.56
N GLU B 223 -11.90 -25.09 -13.72
CA GLU B 223 -10.44 -25.06 -13.81
C GLU B 223 -9.86 -23.91 -12.99
N TYR B 224 -10.66 -22.88 -12.70
CA TYR B 224 -10.18 -21.77 -11.85
C TYR B 224 -10.01 -22.25 -10.41
N LEU B 225 -11.05 -22.94 -9.93
CA LEU B 225 -11.07 -23.61 -8.62
C LEU B 225 -9.97 -24.64 -8.53
N GLU B 226 -9.65 -25.28 -9.67
CA GLU B 226 -8.60 -26.29 -9.75
C GLU B 226 -7.17 -25.77 -9.52
N LYS B 227 -6.82 -24.63 -10.11
CA LYS B 227 -5.46 -24.08 -9.86
C LYS B 227 -5.29 -23.66 -8.40
N LEU B 228 -6.38 -23.16 -7.82
CA LEU B 228 -6.32 -22.64 -6.46
C LEU B 228 -6.17 -23.84 -5.55
N HIS B 229 -6.83 -24.95 -5.92
CA HIS B 229 -6.67 -26.20 -5.15
C HIS B 229 -5.20 -26.59 -5.07
N TYR B 230 -4.54 -26.78 -6.21
CA TYR B 230 -3.11 -27.08 -6.23
C TYR B 230 -2.32 -26.12 -5.35
N LYS B 231 -2.63 -24.82 -5.43
CA LYS B 231 -1.87 -23.82 -4.66
C LYS B 231 -2.06 -24.08 -3.17
N HIS B 232 -3.30 -24.31 -2.75
CA HIS B 232 -3.55 -24.73 -1.37
C HIS B 232 -2.82 -26.03 -1.04
N GLU B 233 -2.99 -27.02 -1.92
CA GLU B 233 -2.46 -28.37 -1.68
C GLU B 233 -0.95 -28.28 -1.51
N SER B 234 -0.28 -27.77 -2.55
CA SER B 234 1.14 -27.47 -2.50
C SER B 234 1.54 -26.69 -1.26
N TRP B 235 0.91 -25.53 -1.01
CA TRP B 235 1.30 -24.67 0.12
C TRP B 235 1.08 -25.34 1.46
N LEU B 236 -0.09 -25.91 1.69
CA LEU B 236 -0.42 -26.34 3.06
C LEU B 236 -0.43 -27.84 3.34
N LEU B 237 -0.46 -28.68 2.32
CA LEU B 237 -0.44 -30.14 2.54
C LEU B 237 0.90 -30.76 2.13
N HIS B 238 1.32 -30.51 0.91
CA HIS B 238 2.64 -30.97 0.48
C HIS B 238 3.74 -30.07 0.99
N ARG B 239 3.35 -28.85 1.35
CA ARG B 239 4.28 -27.89 1.93
C ARG B 239 5.54 -27.77 1.07
N THR B 240 5.33 -27.58 -0.25
CA THR B 240 6.41 -27.39 -1.23
C THR B 240 6.58 -25.93 -1.72
N LEU B 241 5.75 -25.02 -1.19
CA LEU B 241 5.75 -23.64 -1.65
C LEU B 241 6.80 -22.86 -0.90
N LYS B 242 7.61 -22.12 -1.65
CA LYS B 242 8.60 -21.26 -1.06
C LYS B 242 7.89 -20.02 -0.62
N THR B 243 8.22 -19.55 0.57
CA THR B 243 7.77 -18.23 0.98
C THR B 243 8.95 -17.55 1.61
N ASN B 244 8.88 -16.22 1.72
CA ASN B 244 9.95 -15.40 2.22
C ASN B 244 9.84 -15.16 3.71
N PHE B 245 8.75 -15.61 4.30
CA PHE B 245 8.49 -15.39 5.71
C PHE B 245 9.09 -16.51 6.58
N ASP B 246 10.02 -16.11 7.46
CA ASP B 246 10.92 -17.02 8.18
C ASP B 246 10.21 -18.04 9.06
N TYR B 247 9.42 -17.53 9.99
CA TYR B 247 8.69 -18.40 10.89
C TYR B 247 7.65 -19.32 10.20
N LEU B 248 7.12 -18.90 9.05
CA LEU B 248 6.02 -19.61 8.40
C LEU B 248 6.34 -21.02 7.89
N GLN B 249 7.61 -21.36 7.76
CA GLN B 249 7.99 -22.72 7.40
C GLN B 249 7.68 -23.68 8.56
N GLU B 250 7.74 -23.16 9.78
CA GLU B 250 7.48 -23.93 10.98
C GLU B 250 6.15 -23.54 11.67
N VAL B 251 5.12 -23.19 10.88
CA VAL B 251 3.82 -22.86 11.47
C VAL B 251 2.96 -24.12 11.47
N PRO B 252 2.41 -24.51 12.63
CA PRO B 252 1.69 -25.76 12.64
C PRO B 252 0.37 -25.72 11.88
N ILE B 253 -0.03 -26.87 11.36
CA ILE B 253 -1.03 -26.92 10.34
C ILE B 253 -2.03 -28.01 10.61
N LEU B 254 -3.30 -27.64 10.66
CA LEU B 254 -4.36 -28.59 10.88
C LEU B 254 -5.20 -28.76 9.62
N THR B 255 -5.15 -29.97 9.07
CA THR B 255 -5.87 -30.28 7.85
C THR B 255 -7.14 -31.01 8.18
N LEU B 256 -8.26 -30.41 7.79
CA LEU B 256 -9.53 -31.04 7.93
C LEU B 256 -10.16 -31.20 6.53
N ASP B 257 -10.54 -32.44 6.19
CA ASP B 257 -11.40 -32.69 5.04
C ASP B 257 -12.80 -32.26 5.40
N VAL B 258 -13.35 -31.30 4.63
CA VAL B 258 -14.68 -30.73 4.87
C VAL B 258 -15.64 -31.04 3.73
N ASN B 259 -15.40 -32.11 2.98
CA ASN B 259 -16.29 -32.47 1.85
C ASN B 259 -17.74 -32.87 2.21
N GLU B 260 -17.89 -33.59 3.31
CA GLU B 260 -19.20 -33.93 3.89
C GLU B 260 -19.88 -32.72 4.58
N ASP B 261 -21.12 -32.42 4.19
CA ASP B 261 -21.97 -31.42 4.86
C ASP B 261 -21.78 -31.49 6.38
N PHE B 262 -21.22 -30.43 6.95
CA PHE B 262 -20.99 -30.39 8.40
C PHE B 262 -21.88 -29.38 9.12
N LYS B 263 -22.81 -28.72 8.43
CA LYS B 263 -23.65 -27.70 9.08
C LYS B 263 -24.34 -28.23 10.33
N ASP B 264 -24.84 -29.46 10.25
CA ASP B 264 -25.55 -30.10 11.36
C ASP B 264 -24.79 -31.28 11.97
N LYS B 265 -23.50 -31.36 11.69
CA LYS B 265 -22.65 -32.48 12.09
C LYS B 265 -21.18 -32.06 12.08
N TYR B 266 -20.80 -31.28 13.10
CA TYR B 266 -19.47 -30.66 13.19
C TYR B 266 -18.63 -30.99 14.43
N GLU B 267 -19.15 -31.81 15.34
CA GLU B 267 -18.42 -32.02 16.57
C GLU B 267 -17.01 -32.56 16.35
N SER B 268 -16.85 -33.53 15.46
CA SER B 268 -15.56 -34.19 15.34
C SER B 268 -14.48 -33.24 14.81
N LEU B 269 -14.87 -32.36 13.89
CA LEU B 269 -13.93 -31.30 13.43
C LEU B 269 -13.45 -30.45 14.61
N VAL B 270 -14.40 -30.06 15.44
CA VAL B 270 -14.13 -29.14 16.52
C VAL B 270 -13.16 -29.77 17.50
N GLU B 271 -13.23 -31.09 17.69
CA GLU B 271 -12.31 -31.78 18.60
C GLU B 271 -10.87 -31.67 18.17
N LYS B 272 -10.62 -31.73 16.86
CA LYS B 272 -9.27 -31.56 16.34
C LYS B 272 -8.73 -30.15 16.55
N VAL B 273 -9.64 -29.17 16.58
CA VAL B 273 -9.29 -27.74 16.74
C VAL B 273 -8.85 -27.45 18.16
N LYS B 274 -9.63 -27.90 19.14
CA LYS B 274 -9.26 -27.79 20.56
C LYS B 274 -8.02 -28.63 20.85
N GLU B 275 -8.06 -29.89 20.46
CA GLU B 275 -6.86 -30.74 20.41
C GLU B 275 -5.67 -29.94 19.86
N PHE B 276 -5.78 -29.47 18.61
CA PHE B 276 -4.71 -28.71 17.92
C PHE B 276 -4.30 -27.50 18.77
N LEU B 277 -5.30 -26.80 19.31
CA LEU B 277 -5.07 -25.54 20.06
C LEU B 277 -4.30 -25.71 21.37
N SER B 278 -4.37 -26.88 21.97
CA SER B 278 -3.71 -27.12 23.26
C SER B 278 -2.20 -27.33 23.08
N THR B 279 -1.79 -27.78 21.89
CA THR B 279 -0.37 -27.88 21.56
C THR B 279 0.31 -26.51 21.41
N LEU B 280 -0.45 -25.42 21.42
CA LEU B 280 0.10 -24.09 21.19
C LEU B 280 0.21 -23.31 22.51
OAE 2XZ C . -3.28 12.85 -17.22
CAK 2XZ C . -2.32 12.23 -18.00
CAL 2XZ C . -1.01 12.54 -17.35
OAS 2XZ C . -0.18 12.62 -18.48
CBA 2XZ C . 1.11 12.22 -18.42
CAI 2XZ C . 1.88 12.19 -17.25
CAZ 2XZ C . 1.64 11.87 -19.64
OAR 2XZ C . 0.76 11.97 -20.69
CAB 2XZ C . 0.86 10.99 -21.73
CAG 2XZ C . 2.96 11.46 -19.75
CAF 2XZ C . 3.72 11.40 -18.59
CAX 2XZ C . 3.18 11.75 -17.33
CBD 2XZ C . 3.93 11.75 -16.23
NAQ 2XZ C . 3.58 12.45 -15.19
SAU 2XZ C . 5.37 11.03 -15.95
CBC 2XZ C . 5.50 11.68 -14.40
CAM 2XZ C . 6.61 11.46 -13.42
CAJ 2XZ C . 7.84 11.99 -14.09
CAA 2XZ C . 8.42 13.15 -13.25
CBB 2XZ C . 4.40 12.40 -14.15
CAN 2XZ C . 4.12 13.21 -12.88
SAT 2XZ C . 3.21 12.30 -11.58
C2 2XZ C . 4.30 12.24 -10.15
N3 2XZ C . 3.76 11.74 -9.02
N1 2XZ C . 5.56 12.64 -10.17
C6 2XZ C . 6.34 12.57 -9.07
NAC 2XZ C . 7.61 13.02 -9.12
C5 2XZ C . 5.79 12.08 -7.88
C4 2XZ C . 4.46 11.67 -7.89
NAD 2XZ C . 3.85 11.17 -6.82
N1 UDP D . 18.69 24.91 -13.16
C2 UDP D . 19.15 26.17 -13.60
N3 UDP D . 19.05 27.26 -12.81
C4 UDP D . 18.53 27.17 -11.58
C5 UDP D . 18.06 25.95 -11.13
C6 UDP D . 18.15 24.81 -11.94
O2 UDP D . 19.64 26.30 -14.75
O4 UDP D . 18.44 28.18 -10.84
C1' UDP D . 18.77 23.75 -14.05
C2' UDP D . 19.52 22.51 -13.55
O2' UDP D . 20.89 22.47 -13.96
C3' UDP D . 18.77 21.35 -14.18
C4' UDP D . 17.40 21.93 -14.51
O4' UDP D . 17.42 23.34 -14.26
O3' UDP D . 19.42 20.81 -15.35
C5' UDP D . 16.35 21.28 -13.64
O5' UDP D . 16.69 21.53 -12.27
PA UDP D . 16.44 20.41 -11.12
O1A UDP D . 17.15 19.17 -11.60
O2A UDP D . 16.82 21.03 -9.82
O3A UDP D . 14.87 20.18 -11.22
PB UDP D . 13.86 19.52 -10.16
O1B UDP D . 14.71 18.77 -9.16
O2B UDP D . 12.95 18.64 -11.01
O3B UDP D . 13.10 20.68 -9.62
OAE 2XZ E . -6.87 -16.63 -14.22
CAK 2XZ E . -8.13 -16.13 -14.51
CAL 2XZ E . -8.43 -15.11 -13.43
OAS 2XZ E . -9.73 -14.63 -13.81
CBA 2XZ E . -10.68 -14.15 -12.96
CAI 2XZ E . -10.60 -14.12 -11.55
CAZ 2XZ E . -11.81 -13.69 -13.63
OAR 2XZ E . -11.81 -13.74 -15.00
CAB 2XZ E . -13.05 -13.96 -15.69
CAG 2XZ E . -12.86 -13.15 -12.89
CAF 2XZ E . -12.78 -13.13 -11.51
CAX 2XZ E . -11.67 -13.60 -10.81
CBD 2XZ E . -11.71 -13.55 -9.46
NAQ 2XZ E . -10.84 -14.13 -8.66
SAU 2XZ E . -12.93 -12.85 -8.52
CBC 2XZ E . -12.21 -13.29 -7.08
CAM 2XZ E . -12.73 -12.96 -5.70
CAJ 2XZ E . -14.19 -13.35 -5.68
CAA 2XZ E . -14.24 -14.87 -5.40
CBB 2XZ E . -11.10 -13.98 -7.35
CAN 2XZ E . -10.20 -14.56 -6.31
SAT 2XZ E . -8.68 -13.54 -6.17
C2 2XZ E . -8.66 -13.21 -4.37
N3 2XZ E . -7.63 -12.56 -3.82
N1 2XZ E . -9.69 -13.61 -3.60
C6 2XZ E . -9.70 -13.37 -2.29
NAC 2XZ E . -10.73 -13.80 -1.55
C5 2XZ E . -8.63 -12.71 -1.70
C4 2XZ E . -7.57 -12.31 -2.50
NAD 2XZ E . -6.52 -11.67 -1.97
N1 UDP F . -22.35 -25.26 2.81
C2 UDP F . -23.17 -26.39 3.06
N3 UDP F . -22.78 -27.35 3.89
C4 UDP F . -21.60 -27.27 4.51
C5 UDP F . -20.77 -26.18 4.29
C6 UDP F . -21.16 -25.15 3.44
O2 UDP F . -24.28 -26.51 2.50
O4 UDP F . -21.23 -28.16 5.28
C1' UDP F . -22.82 -24.19 1.92
C2' UDP F . -22.94 -22.86 2.65
O2' UDP F . -24.21 -22.64 3.28
C3' UDP F . -22.73 -21.87 1.53
C4' UDP F . -21.77 -22.60 0.60
O4' UDP F . -21.94 -23.99 0.82
O3' UDP F . -23.99 -21.58 0.89
C5' UDP F . -20.29 -22.30 0.85
O5' UDP F . -19.99 -22.04 2.22
PA UDP F . -19.10 -20.74 2.67
O1A UDP F . -19.02 -20.75 4.16
O2A UDP F . -19.68 -19.46 2.07
O3A UDP F . -17.63 -21.08 2.10
PB UDP F . -16.29 -20.13 2.14
O1B UDP F . -15.16 -21.10 2.32
O2B UDP F . -16.16 -19.40 0.82
O3B UDP F . -16.44 -19.16 3.29
#